data_9AVR
#
_entry.id   9AVR
#
_cell.length_a   58.480
_cell.length_b   84.295
_cell.length_c   88.412
_cell.angle_alpha   90.000
_cell.angle_beta   90.000
_cell.angle_gamma   90.000
#
_symmetry.space_group_name_H-M   'P 21 21 21'
#
loop_
_entity.id
_entity.type
_entity.pdbx_description
1 polymer 'Eukaryotic initiation factor 4A-I'
2 polymer 'RNA oligonucleotide (AG)5'
3 non-polymer 'PHOSPHOAMINOPHOSPHONIC ACID-ADENYLATE ESTER'
4 non-polymer 'MAGNESIUM ION'
5 non-polymer 'IODIDE ION'
6 non-polymer silvestrol
7 water water
#
loop_
_entity_poly.entity_id
_entity_poly.type
_entity_poly.pdbx_seq_one_letter_code
_entity_poly.pdbx_strand_id
1 'polypeptide(L)'
;MSASQDSRSRDNGPDGMEPEGVIESNWNEIVDSFDDMNLSESLLRGIYAYGFEKPSAIQQRAILPCIKGYDVIAQAQSGT
GKTATFAISILQQIELDLKATQALVLAPTRELAQQIQKVVMALGDYMGASCHACIGGTNVRAEVQKLQMEAPHIIVGTPG
RVFDMLNRRYLSPKYIKMFVLDEADEMLSRGFKDQIYDIFQKLNSNTQVVLLSATMPSDVLEVTKKFMRDPIRILVKKEE
LTLEGIRQFYINVEREEWKLDTLCDLYETLTITQAVIFINTRRKVDWLTEKMHARDFTVSAMHGDMDQKERDVIMREFRS
GSSRVLITTDLLARGIDVQQVSLVINYDLPTNRENYIHRIGRGGRFGRKGVAINMVTEEDKRTLRDIETFYNTSIEEMPL
NVADLI
;
A
2 'polyribonucleotide' AGAGAGAGAG B
#
# COMPACT_ATOMS: atom_id res chain seq x y z
N ILE A 30 24.99 -0.73 1.93
CA ILE A 30 24.25 -1.52 2.91
C ILE A 30 24.68 -1.26 4.36
N VAL A 31 23.74 -0.73 5.14
CA VAL A 31 23.93 -0.38 6.54
C VAL A 31 22.96 -1.21 7.37
N ASP A 32 23.47 -2.10 8.22
CA ASP A 32 22.62 -3.10 8.85
C ASP A 32 22.15 -2.71 10.25
N SER A 33 22.32 -1.47 10.67
CA SER A 33 21.88 -1.08 12.00
C SER A 33 21.29 0.33 11.99
N PHE A 34 20.14 0.55 12.65
CA PHE A 34 19.60 1.90 12.71
C PHE A 34 20.58 2.86 13.39
N ASP A 35 21.47 2.37 14.24
CA ASP A 35 22.47 3.22 14.90
C ASP A 35 23.56 3.67 13.94
N ASP A 36 23.65 3.06 12.76
CA ASP A 36 24.71 3.34 11.80
C ASP A 36 24.25 4.26 10.69
N MET A 37 23.14 4.97 10.88
CA MET A 37 22.51 5.71 9.80
C MET A 37 22.56 7.21 10.03
N ASN A 38 23.28 7.63 11.05
CA ASN A 38 23.40 9.03 11.45
C ASN A 38 22.05 9.69 11.75
N LEU A 39 21.13 8.92 12.31
CA LEU A 39 19.82 9.47 12.64
C LEU A 39 19.87 10.23 13.96
N SER A 40 19.01 11.25 14.08
CA SER A 40 19.03 12.02 15.31
C SER A 40 18.60 11.11 16.46
N GLU A 41 19.04 11.43 17.68
CA GLU A 41 18.72 10.52 18.78
C GLU A 41 17.23 10.46 19.02
N SER A 42 16.53 11.57 18.80
CA SER A 42 15.11 11.55 19.12
C SER A 42 14.28 10.88 18.05
N LEU A 43 14.77 10.79 16.82
CA LEU A 43 14.12 9.91 15.86
C LEU A 43 14.35 8.43 16.23
N LEU A 44 15.58 8.10 16.63
CA LEU A 44 15.85 6.75 17.12
C LEU A 44 14.95 6.35 18.29
N ARG A 45 14.72 7.24 19.28
CA ARG A 45 13.73 6.94 20.31
C ARG A 45 12.40 6.49 19.71
N GLY A 46 11.91 7.22 18.70
CA GLY A 46 10.64 6.86 18.08
C GLY A 46 10.69 5.55 17.31
N ILE A 47 11.79 5.28 16.61
CA ILE A 47 11.95 4.01 15.90
C ILE A 47 11.91 2.83 16.87
N TYR A 48 12.72 2.90 17.94
CA TYR A 48 12.75 1.83 18.92
C TYR A 48 11.44 1.72 19.69
N ALA A 49 10.80 2.85 20.01
CA ALA A 49 9.51 2.77 20.68
C ALA A 49 8.47 2.08 19.79
N TYR A 50 8.57 2.29 18.48
CA TYR A 50 7.58 1.69 17.59
C TYR A 50 7.74 0.19 17.56
N GLY A 51 8.87 -0.32 18.04
CA GLY A 51 9.11 -1.74 18.12
C GLY A 51 10.11 -2.26 17.13
N PHE A 52 10.59 -1.43 16.20
CA PHE A 52 11.59 -1.91 15.27
C PHE A 52 12.89 -2.14 16.03
N GLU A 53 13.62 -3.18 15.65
CA GLU A 53 14.91 -3.42 16.28
C GLU A 53 16.06 -3.39 15.28
N LYS A 54 15.85 -3.89 14.06
CA LYS A 54 16.86 -3.97 13.03
C LYS A 54 16.20 -3.53 11.73
N PRO A 55 16.96 -2.89 10.84
CA PRO A 55 16.38 -2.49 9.55
C PRO A 55 16.23 -3.67 8.63
N SER A 56 15.12 -3.68 7.90
CA SER A 56 14.88 -4.66 6.85
C SER A 56 15.81 -4.40 5.68
N ALA A 57 15.72 -5.27 4.67
CA ALA A 57 16.63 -5.20 3.54
C ALA A 57 16.45 -3.88 2.78
N ILE A 58 15.20 -3.49 2.50
CA ILE A 58 15.01 -2.23 1.78
C ILE A 58 15.45 -1.05 2.66
N GLN A 59 15.15 -1.11 3.96
CA GLN A 59 15.61 -0.04 4.84
C GLN A 59 17.13 0.10 4.83
N GLN A 60 17.86 -1.01 4.83
CA GLN A 60 19.32 -0.95 4.83
C GLN A 60 19.88 -0.30 3.57
N ARG A 61 19.15 -0.31 2.47
CA ARG A 61 19.64 0.16 1.19
C ARG A 61 19.18 1.57 0.84
N ALA A 62 17.93 1.92 1.17
CA ALA A 62 17.29 3.13 0.65
C ALA A 62 17.25 4.29 1.65
N ILE A 63 17.29 4.05 2.96
CA ILE A 63 17.17 5.18 3.89
C ILE A 63 18.30 6.18 3.66
N LEU A 64 19.54 5.70 3.52
CA LEU A 64 20.65 6.66 3.46
C LEU A 64 20.57 7.53 2.22
N PRO A 65 20.35 7.00 1.02
CA PRO A 65 20.20 7.86 -0.16
C PRO A 65 19.03 8.84 -0.07
N CYS A 66 17.92 8.40 0.51
CA CYS A 66 16.78 9.28 0.73
C CYS A 66 17.16 10.45 1.62
N ILE A 67 17.80 10.17 2.77
CA ILE A 67 18.21 11.21 3.72
C ILE A 67 19.16 12.18 3.03
N LYS A 68 20.07 11.67 2.19
CA LYS A 68 21.04 12.54 1.54
C LYS A 68 20.42 13.42 0.47
N GLY A 69 19.18 13.16 0.10
CA GLY A 69 18.45 14.06 -0.78
C GLY A 69 18.45 13.65 -2.24
N TYR A 70 18.83 12.42 -2.54
CA TYR A 70 18.80 11.96 -3.93
C TYR A 70 17.38 11.58 -4.31
N ASP A 71 17.08 11.68 -5.60
CA ASP A 71 15.87 11.05 -6.09
C ASP A 71 16.08 9.54 -6.09
N VAL A 72 15.06 8.81 -5.66
CA VAL A 72 15.20 7.38 -5.41
C VAL A 72 13.98 6.68 -6.01
N ILE A 73 14.22 5.62 -6.76
CA ILE A 73 13.17 4.69 -7.15
C ILE A 73 13.44 3.43 -6.32
N ALA A 74 12.56 3.09 -5.38
CA ALA A 74 12.80 1.96 -4.46
C ALA A 74 11.74 0.89 -4.71
N GLN A 75 12.12 -0.18 -5.37
CA GLN A 75 11.30 -1.36 -5.46
C GLN A 75 11.72 -2.39 -4.40
N ALA A 76 10.76 -3.03 -3.74
CA ALA A 76 11.12 -4.10 -2.81
C ALA A 76 9.92 -5.00 -2.57
N GLN A 77 10.17 -6.25 -2.15
CA GLN A 77 9.10 -7.22 -2.01
C GLN A 77 7.99 -6.72 -1.07
N SER A 78 6.76 -7.22 -1.31
CA SER A 78 5.64 -6.82 -0.48
C SER A 78 6.02 -7.03 0.97
N GLY A 79 5.58 -6.10 1.82
CA GLY A 79 5.62 -6.37 3.24
C GLY A 79 7.00 -6.35 3.87
N THR A 80 7.99 -5.75 3.22
CA THR A 80 9.31 -5.76 3.82
C THR A 80 9.74 -4.39 4.39
N GLY A 81 8.82 -3.42 4.49
CA GLY A 81 9.08 -2.23 5.28
C GLY A 81 9.33 -0.96 4.46
N LYS A 82 8.70 -0.87 3.29
CA LYS A 82 8.87 0.34 2.51
C LYS A 82 8.32 1.60 3.21
N THR A 83 7.25 1.47 4.03
CA THR A 83 6.66 2.63 4.70
C THR A 83 7.68 3.30 5.59
N ALA A 84 8.30 2.50 6.49
CA ALA A 84 9.27 3.10 7.40
C ALA A 84 10.49 3.55 6.66
N THR A 85 10.76 2.98 5.48
CA THR A 85 11.87 3.50 4.69
C THR A 85 11.67 4.98 4.41
N PHE A 86 10.49 5.36 3.88
CA PHE A 86 10.33 6.78 3.58
C PHE A 86 9.98 7.57 4.82
N ALA A 87 9.29 6.99 5.80
CA ALA A 87 8.94 7.80 6.97
C ALA A 87 10.21 8.22 7.72
N ILE A 88 11.12 7.26 7.97
CA ILE A 88 12.36 7.59 8.65
C ILE A 88 13.15 8.64 7.89
N SER A 89 13.19 8.53 6.56
CA SER A 89 13.99 9.48 5.78
C SER A 89 13.37 10.86 5.86
N ILE A 90 12.05 10.92 5.82
CA ILE A 90 11.40 12.23 5.90
C ILE A 90 11.67 12.84 7.25
N LEU A 91 11.45 12.06 8.30
CA LEU A 91 11.59 12.56 9.67
C LEU A 91 13.01 13.03 9.96
N GLN A 92 14.03 12.37 9.39
CA GLN A 92 15.39 12.81 9.63
C GLN A 92 15.67 14.18 8.99
N GLN A 93 14.93 14.50 7.92
CA GLN A 93 15.14 15.74 7.16
C GLN A 93 14.33 16.91 7.67
N ILE A 94 13.32 16.66 8.50
CA ILE A 94 12.42 17.72 8.96
C ILE A 94 13.17 18.69 9.85
N GLU A 95 12.97 19.98 9.62
CA GLU A 95 13.42 20.98 10.57
C GLU A 95 12.25 21.23 11.54
N LEU A 96 12.38 20.72 12.77
CA LEU A 96 11.21 20.62 13.65
C LEU A 96 10.66 21.98 14.06
N ASP A 97 11.55 22.96 14.27
CA ASP A 97 11.13 24.29 14.70
C ASP A 97 10.61 25.18 13.58
N LEU A 98 10.75 24.76 12.32
CA LEU A 98 10.06 25.41 11.20
C LEU A 98 8.63 24.89 11.12
N LYS A 99 7.66 25.74 11.46
CA LYS A 99 6.25 25.31 11.51
C LYS A 99 5.62 25.52 10.13
N ALA A 100 6.01 24.63 9.22
CA ALA A 100 5.59 24.70 7.82
C ALA A 100 5.70 23.30 7.24
N THR A 101 4.93 23.06 6.19
CA THR A 101 4.91 21.74 5.58
C THR A 101 6.16 21.55 4.76
N GLN A 102 6.88 20.47 5.05
CA GLN A 102 8.17 20.22 4.46
C GLN A 102 8.18 18.98 3.60
N ALA A 103 7.15 18.14 3.69
CA ALA A 103 7.16 16.88 2.97
C ALA A 103 5.72 16.49 2.67
N LEU A 104 5.52 15.93 1.49
CA LEU A 104 4.20 15.58 0.99
C LEU A 104 4.27 14.14 0.50
N VAL A 105 3.42 13.27 1.05
CA VAL A 105 3.36 11.85 0.66
C VAL A 105 1.98 11.62 0.08
N LEU A 106 1.91 10.98 -1.09
CA LEU A 106 0.62 10.62 -1.70
C LEU A 106 0.49 9.11 -1.77
N ALA A 107 -0.74 8.63 -1.66
CA ALA A 107 -1.12 7.23 -1.75
C ALA A 107 -2.35 7.16 -2.64
N PRO A 108 -2.64 6.00 -3.24
CA PRO A 108 -3.81 5.95 -4.16
C PRO A 108 -5.13 5.79 -3.46
N THR A 109 -5.14 5.41 -2.21
CA THR A 109 -6.40 5.19 -1.54
C THR A 109 -6.43 5.84 -0.16
N ARG A 110 -7.65 6.13 0.26
CA ARG A 110 -7.81 6.79 1.55
C ARG A 110 -7.36 5.88 2.67
N GLU A 111 -7.64 4.57 2.56
CA GLU A 111 -7.22 3.67 3.64
C GLU A 111 -5.71 3.64 3.77
N LEU A 112 -5.00 3.55 2.65
CA LEU A 112 -3.54 3.50 2.72
C LEU A 112 -2.96 4.82 3.26
N ALA A 113 -3.48 5.96 2.79
CA ALA A 113 -3.02 7.22 3.32
C ALA A 113 -3.21 7.28 4.83
N GLN A 114 -4.37 6.81 5.32
CA GLN A 114 -4.56 6.87 6.77
C GLN A 114 -3.60 5.94 7.47
N GLN A 115 -3.38 4.75 6.90
CA GLN A 115 -2.41 3.84 7.54
C GLN A 115 -1.04 4.47 7.58
N ILE A 116 -0.63 5.08 6.46
CA ILE A 116 0.70 5.68 6.42
C ILE A 116 0.79 6.78 7.47
N GLN A 117 -0.28 7.58 7.60
CA GLN A 117 -0.23 8.69 8.53
C GLN A 117 0.02 8.18 9.95
N LYS A 118 -0.61 7.06 10.30
CA LYS A 118 -0.43 6.55 11.66
C LYS A 118 0.99 6.10 11.91
N VAL A 119 1.66 5.52 10.91
CA VAL A 119 3.07 5.13 11.04
C VAL A 119 3.96 6.37 11.21
N VAL A 120 3.84 7.35 10.32
CA VAL A 120 4.71 8.52 10.44
C VAL A 120 4.49 9.19 11.79
N MET A 121 3.23 9.32 12.20
CA MET A 121 2.93 10.02 13.43
C MET A 121 3.52 9.29 14.63
N ALA A 122 3.51 7.96 14.62
CA ALA A 122 4.07 7.21 15.74
C ALA A 122 5.59 7.26 15.74
N LEU A 123 6.22 7.16 14.56
CA LEU A 123 7.66 7.32 14.48
C LEU A 123 8.06 8.74 14.88
N GLY A 124 7.23 9.74 14.57
CA GLY A 124 7.63 11.11 14.79
C GLY A 124 7.14 11.72 16.08
N ASP A 125 6.39 10.96 16.87
CA ASP A 125 5.72 11.48 18.06
C ASP A 125 6.73 12.02 19.06
N TYR A 126 7.68 11.19 19.45
CA TYR A 126 8.57 11.60 20.52
C TYR A 126 9.34 12.86 20.14
N MET A 127 9.85 12.88 18.92
CA MET A 127 10.65 14.02 18.50
C MET A 127 9.80 15.26 18.29
N GLY A 128 8.49 15.09 18.16
CA GLY A 128 7.59 16.21 18.02
C GLY A 128 7.34 16.64 16.59
N ALA A 129 7.48 15.74 15.61
CA ALA A 129 7.05 16.04 14.24
C ALA A 129 5.54 15.90 14.14
N SER A 130 4.91 16.75 13.32
CA SER A 130 3.46 16.72 13.13
C SER A 130 3.16 16.17 11.75
N CYS A 131 2.11 15.38 11.64
CA CYS A 131 1.78 14.65 10.42
C CYS A 131 0.27 14.68 10.29
N HIS A 132 -0.24 15.19 9.17
CA HIS A 132 -1.69 15.37 8.96
C HIS A 132 -2.12 14.60 7.72
N ALA A 133 -3.25 13.90 7.83
CA ALA A 133 -3.85 13.18 6.72
C ALA A 133 -4.75 14.10 5.93
N CYS A 134 -4.48 14.24 4.63
CA CYS A 134 -5.28 15.09 3.75
C CYS A 134 -5.98 14.15 2.76
N ILE A 135 -7.16 13.63 3.13
CA ILE A 135 -7.87 12.62 2.35
C ILE A 135 -9.28 13.08 2.09
N GLY A 136 -9.85 12.58 0.99
CA GLY A 136 -11.23 12.86 0.68
C GLY A 136 -12.19 12.19 1.64
N GLY A 137 -13.41 12.70 1.60
CA GLY A 137 -14.48 12.19 2.42
C GLY A 137 -14.44 12.65 3.87
N THR A 138 -13.54 13.54 4.25
CA THR A 138 -13.50 14.04 5.62
C THR A 138 -14.06 15.46 5.65
N ASN A 139 -14.49 15.91 6.83
CA ASN A 139 -15.04 17.27 6.92
C ASN A 139 -14.03 18.31 6.46
N VAL A 140 -14.38 19.10 5.43
CA VAL A 140 -13.45 20.08 4.88
C VAL A 140 -13.25 21.25 5.85
N ARG A 141 -14.35 21.71 6.48
CA ARG A 141 -14.23 22.85 7.38
C ARG A 141 -13.31 22.52 8.55
N ALA A 142 -13.48 21.33 9.14
CA ALA A 142 -12.58 20.92 10.20
C ALA A 142 -11.15 20.90 9.72
N GLU A 143 -10.89 20.27 8.56
CA GLU A 143 -9.52 20.24 8.05
C GLU A 143 -8.96 21.63 7.82
N VAL A 144 -9.72 22.49 7.14
CA VAL A 144 -9.25 23.85 6.83
C VAL A 144 -8.90 24.62 8.11
N GLN A 145 -9.70 24.44 9.17
CA GLN A 145 -9.42 25.12 10.44
C GLN A 145 -8.14 24.61 11.08
N LYS A 146 -7.89 23.29 11.00
CA LYS A 146 -6.67 22.71 11.57
C LYS A 146 -5.44 23.21 10.84
N LEU A 147 -5.52 23.28 9.49
CA LEU A 147 -4.43 23.81 8.67
C LEU A 147 -4.21 25.28 8.96
N GLN A 148 -5.30 26.03 9.16
CA GLN A 148 -5.21 27.44 9.53
C GLN A 148 -4.56 27.61 10.90
N MET A 149 -4.78 26.66 11.81
CA MET A 149 -4.16 26.75 13.12
C MET A 149 -2.64 26.67 13.01
N GLU A 150 -2.12 25.69 12.28
CA GLU A 150 -0.67 25.54 12.16
C GLU A 150 -0.31 24.54 11.08
N ALA A 151 0.49 24.93 10.08
CA ALA A 151 0.84 24.03 9.00
C ALA A 151 1.58 22.79 9.51
N PRO A 152 1.10 21.58 9.25
CA PRO A 152 1.77 20.39 9.76
C PRO A 152 3.10 20.16 9.04
N HIS A 153 4.08 19.58 9.74
CA HIS A 153 5.38 19.28 9.12
C HIS A 153 5.26 18.40 7.88
N ILE A 154 4.42 17.36 7.95
CA ILE A 154 4.31 16.34 6.92
C ILE A 154 2.83 16.20 6.60
N ILE A 155 2.51 16.16 5.31
CA ILE A 155 1.16 15.88 4.83
C ILE A 155 1.18 14.52 4.14
N VAL A 156 0.30 13.63 4.55
CA VAL A 156 0.05 12.37 3.83
C VAL A 156 -1.36 12.42 3.27
N GLY A 157 -1.51 12.17 1.96
CA GLY A 157 -2.88 12.34 1.50
C GLY A 157 -3.14 11.61 0.21
N THR A 158 -4.39 11.74 -0.26
CA THR A 158 -4.77 11.23 -1.57
C THR A 158 -4.79 12.39 -2.54
N PRO A 159 -4.63 12.15 -3.84
CA PRO A 159 -4.34 13.28 -4.74
C PRO A 159 -5.47 14.30 -4.85
N GLY A 160 -6.71 13.83 -4.92
CA GLY A 160 -7.80 14.77 -5.12
C GLY A 160 -7.87 15.83 -4.02
N ARG A 161 -7.93 15.38 -2.76
CA ARG A 161 -8.03 16.30 -1.63
C ARG A 161 -6.76 17.14 -1.50
N VAL A 162 -5.58 16.54 -1.74
CA VAL A 162 -4.35 17.32 -1.65
C VAL A 162 -4.34 18.44 -2.69
N PHE A 163 -4.73 18.14 -3.94
CA PHE A 163 -4.71 19.19 -4.94
C PHE A 163 -5.73 20.30 -4.62
N ASP A 164 -6.92 19.89 -4.17
CA ASP A 164 -7.93 20.85 -3.68
C ASP A 164 -7.34 21.80 -2.66
N MET A 165 -6.69 21.27 -1.62
CA MET A 165 -6.11 22.13 -0.58
C MET A 165 -4.96 23.01 -1.12
N LEU A 166 -4.15 22.49 -2.04
CA LEU A 166 -3.17 23.36 -2.71
C LEU A 166 -3.86 24.48 -3.46
N ASN A 167 -4.90 24.14 -4.22
CA ASN A 167 -5.53 25.12 -5.07
C ASN A 167 -6.22 26.19 -4.25
N ARG A 168 -6.82 25.80 -3.14
CA ARG A 168 -7.44 26.79 -2.25
C ARG A 168 -6.41 27.60 -1.49
N ARG A 169 -5.14 27.17 -1.50
CA ARG A 169 -4.03 27.84 -0.85
C ARG A 169 -4.03 27.62 0.65
N TYR A 170 -4.78 26.61 1.16
CA TYR A 170 -4.69 26.29 2.58
C TYR A 170 -3.51 25.39 2.89
N LEU A 171 -2.97 24.78 1.86
CA LEU A 171 -1.73 24.02 1.91
C LEU A 171 -0.71 24.83 1.14
N SER A 172 0.40 25.16 1.77
CA SER A 172 1.42 25.88 1.04
C SER A 172 2.55 24.94 0.59
N PRO A 173 3.01 25.03 -0.65
CA PRO A 173 4.17 24.25 -1.08
C PRO A 173 5.50 24.95 -0.85
N LYS A 174 5.50 26.13 -0.27
CA LYS A 174 6.72 26.93 -0.29
C LYS A 174 7.91 26.17 0.33
N TYR A 175 7.70 25.41 1.41
CA TYR A 175 8.80 24.73 2.08
C TYR A 175 8.81 23.22 1.85
N ILE A 176 7.93 22.69 0.98
CA ILE A 176 7.95 21.27 0.69
C ILE A 176 9.24 20.96 -0.08
N LYS A 177 10.11 20.16 0.50
CA LYS A 177 11.34 19.80 -0.21
C LYS A 177 11.42 18.31 -0.50
N MET A 178 10.42 17.53 -0.09
CA MET A 178 10.37 16.10 -0.34
C MET A 178 8.94 15.69 -0.77
N PHE A 179 8.85 14.91 -1.85
CA PHE A 179 7.61 14.50 -2.47
C PHE A 179 7.72 12.99 -2.63
N VAL A 180 6.86 12.24 -1.94
CA VAL A 180 6.96 10.79 -1.94
C VAL A 180 5.72 10.21 -2.58
N LEU A 181 5.91 9.35 -3.56
CA LEU A 181 4.79 8.58 -4.11
C LEU A 181 4.90 7.16 -3.57
N ASP A 182 4.02 6.80 -2.65
CA ASP A 182 3.93 5.37 -2.33
C ASP A 182 3.02 4.67 -3.38
N GLU A 183 3.14 3.34 -3.53
CA GLU A 183 2.47 2.67 -4.67
C GLU A 183 2.68 3.44 -5.98
N ALA A 184 3.96 3.76 -6.26
CA ALA A 184 4.27 4.72 -7.31
C ALA A 184 3.76 4.26 -8.65
N ASP A 185 3.77 2.95 -8.90
CA ASP A 185 3.38 2.55 -10.23
C ASP A 185 1.87 2.62 -10.40
N GLU A 186 1.13 2.59 -9.32
CA GLU A 186 -0.29 2.90 -9.44
C GLU A 186 -0.49 4.41 -9.61
N MET A 187 0.28 5.20 -8.87
CA MET A 187 0.14 6.64 -8.96
C MET A 187 0.56 7.18 -10.31
N LEU A 188 1.44 6.48 -11.03
CA LEU A 188 1.87 6.89 -12.34
C LEU A 188 1.18 6.13 -13.46
N SER A 189 0.13 5.40 -13.13
CA SER A 189 -0.68 4.78 -14.17
C SER A 189 -1.48 5.84 -14.93
N ARG A 190 -2.08 5.41 -16.05
CA ARG A 190 -2.83 6.34 -16.89
C ARG A 190 -3.92 7.07 -16.10
N GLY A 191 -4.63 6.40 -15.21
CA GLY A 191 -5.64 7.14 -14.47
C GLY A 191 -5.16 8.12 -13.39
N PHE A 192 -3.96 7.96 -12.85
CA PHE A 192 -3.49 8.84 -11.81
C PHE A 192 -2.40 9.81 -12.23
N LYS A 193 -1.61 9.50 -13.28
CA LYS A 193 -0.39 10.26 -13.48
C LYS A 193 -0.68 11.72 -13.68
N ASP A 194 -1.84 12.05 -14.23
CA ASP A 194 -2.18 13.45 -14.44
C ASP A 194 -2.50 14.16 -13.14
N GLN A 195 -3.17 13.48 -12.21
CA GLN A 195 -3.36 14.06 -10.90
C GLN A 195 -2.03 14.33 -10.23
N ILE A 196 -1.09 13.36 -10.29
CA ILE A 196 0.22 13.54 -9.71
C ILE A 196 0.96 14.71 -10.40
N TYR A 197 0.89 14.77 -11.72
CA TYR A 197 1.58 15.82 -12.45
C TYR A 197 1.01 17.19 -12.13
N ASP A 198 -0.30 17.29 -11.91
CA ASP A 198 -0.90 18.57 -11.53
C ASP A 198 -0.46 19.03 -10.14
N ILE A 199 -0.34 18.09 -9.19
CA ILE A 199 0.23 18.46 -7.89
C ILE A 199 1.70 18.84 -8.05
N PHE A 200 2.45 18.07 -8.85
CA PHE A 200 3.88 18.30 -9.00
C PHE A 200 4.13 19.74 -9.49
N GLN A 201 3.21 20.29 -10.31
CA GLN A 201 3.36 21.68 -10.79
C GLN A 201 3.45 22.71 -9.67
N LYS A 202 2.87 22.43 -8.51
CA LYS A 202 2.89 23.40 -7.42
C LYS A 202 4.14 23.32 -6.58
N LEU A 203 5.03 22.37 -6.83
CA LEU A 203 6.21 22.15 -6.01
C LEU A 203 7.41 22.83 -6.66
N ASN A 204 8.35 23.28 -5.81
CA ASN A 204 9.58 23.90 -6.27
C ASN A 204 10.37 22.94 -7.17
N SER A 205 11.11 23.51 -8.12
CA SER A 205 11.94 22.70 -9.00
C SER A 205 12.94 21.85 -8.22
N ASN A 206 13.38 22.31 -7.06
CA ASN A 206 14.38 21.55 -6.32
C ASN A 206 13.79 20.40 -5.49
N THR A 207 12.52 20.06 -5.61
CA THR A 207 11.93 19.10 -4.69
C THR A 207 12.48 17.70 -4.92
N GLN A 208 12.97 17.08 -3.86
CA GLN A 208 13.36 15.67 -3.93
C GLN A 208 12.13 14.78 -4.16
N VAL A 209 12.28 13.76 -5.01
CA VAL A 209 11.17 12.88 -5.37
C VAL A 209 11.61 11.46 -5.04
N VAL A 210 10.77 10.75 -4.29
CA VAL A 210 11.01 9.38 -3.92
C VAL A 210 9.79 8.56 -4.33
N LEU A 211 10.02 7.45 -4.99
CA LEU A 211 8.96 6.56 -5.46
C LEU A 211 9.17 5.20 -4.84
N LEU A 212 8.15 4.61 -4.28
CA LEU A 212 8.31 3.24 -3.79
C LEU A 212 7.15 2.36 -4.27
N SER A 213 7.45 1.09 -4.56
CA SER A 213 6.39 0.11 -4.85
C SER A 213 7.00 -1.29 -4.81
N ALA A 214 6.16 -2.30 -4.55
CA ALA A 214 6.61 -3.65 -4.88
C ALA A 214 6.75 -3.89 -6.38
N THR A 215 6.05 -3.16 -7.24
CA THR A 215 6.13 -3.43 -8.66
C THR A 215 6.59 -2.19 -9.36
N MET A 216 7.52 -2.31 -10.30
CA MET A 216 7.94 -1.17 -11.09
C MET A 216 8.05 -1.59 -12.56
N PRO A 217 6.94 -1.57 -13.28
CA PRO A 217 6.95 -2.10 -14.64
C PRO A 217 7.68 -1.17 -15.61
N SER A 218 8.04 -1.72 -16.78
CA SER A 218 8.84 -0.99 -17.77
C SER A 218 8.19 0.33 -18.19
N ASP A 219 6.86 0.34 -18.42
CA ASP A 219 6.22 1.58 -18.85
C ASP A 219 6.28 2.64 -17.75
N VAL A 220 6.12 2.24 -16.49
CA VAL A 220 6.17 3.26 -15.45
C VAL A 220 7.58 3.85 -15.34
N LEU A 221 8.61 3.02 -15.44
CA LEU A 221 9.97 3.54 -15.30
C LEU A 221 10.25 4.60 -16.35
N GLU A 222 9.73 4.42 -17.57
CA GLU A 222 9.84 5.46 -18.60
C GLU A 222 9.19 6.77 -18.13
N VAL A 223 7.96 6.70 -17.63
CA VAL A 223 7.28 7.88 -17.11
C VAL A 223 8.10 8.60 -16.02
N THR A 224 8.93 7.85 -15.26
CA THR A 224 9.60 8.50 -14.13
C THR A 224 10.59 9.60 -14.57
N LYS A 225 10.96 9.65 -15.84
CA LYS A 225 11.84 10.74 -16.30
C LYS A 225 11.17 12.12 -16.30
N LYS A 226 9.84 12.20 -16.41
CA LYS A 226 9.20 13.50 -16.25
C LYS A 226 9.35 14.04 -14.83
N PHE A 227 9.50 13.16 -13.85
CA PHE A 227 9.54 13.55 -12.44
C PHE A 227 10.95 13.60 -11.85
N MET A 228 11.94 12.97 -12.45
CA MET A 228 13.13 12.68 -11.67
C MET A 228 14.39 12.95 -12.45
N ARG A 229 15.46 13.20 -11.70
CA ARG A 229 16.76 13.63 -12.21
C ARG A 229 17.82 12.63 -11.79
N ASP A 230 18.36 11.87 -12.78
CA ASP A 230 19.30 10.76 -12.64
C ASP A 230 19.13 10.11 -11.28
N PRO A 231 18.03 9.40 -11.09
CA PRO A 231 17.70 8.90 -9.75
C PRO A 231 18.47 7.63 -9.43
N ILE A 232 18.58 7.37 -8.13
CA ILE A 232 19.07 6.08 -7.67
C ILE A 232 17.98 5.04 -7.89
N ARG A 233 18.36 3.91 -8.48
CA ARG A 233 17.40 2.86 -8.81
C ARG A 233 17.76 1.64 -7.99
N ILE A 234 16.87 1.27 -7.11
CA ILE A 234 16.93 0.03 -6.36
C ILE A 234 15.79 -0.82 -6.87
N LEU A 235 16.09 -1.84 -7.68
CA LEU A 235 15.05 -2.63 -8.34
C LEU A 235 15.16 -4.11 -7.97
N VAL A 236 14.08 -4.84 -8.17
CA VAL A 236 14.06 -6.27 -7.93
C VAL A 236 13.90 -6.97 -9.28
N LYS A 237 14.69 -8.01 -9.52
CA LYS A 237 14.48 -8.85 -10.71
C LYS A 237 13.11 -9.51 -10.67
N LYS A 238 12.37 -9.44 -11.79
CA LYS A 238 11.00 -9.94 -11.77
C LYS A 238 10.92 -11.42 -11.33
N GLU A 239 11.91 -12.24 -11.68
CA GLU A 239 11.88 -13.66 -11.32
C GLU A 239 12.12 -13.90 -9.84
N GLU A 240 12.47 -12.85 -9.09
CA GLU A 240 12.75 -12.96 -7.67
C GLU A 240 11.78 -12.12 -6.86
N LEU A 241 10.69 -11.66 -7.45
CA LEU A 241 9.86 -10.71 -6.73
C LEU A 241 8.89 -11.41 -5.76
N THR A 242 8.32 -12.55 -6.17
CA THR A 242 7.34 -13.22 -5.32
C THR A 242 8.00 -13.78 -4.06
N LEU A 243 7.30 -13.63 -2.94
CA LEU A 243 7.82 -14.00 -1.64
C LEU A 243 7.87 -15.52 -1.48
N GLU A 244 8.98 -16.00 -0.94
CA GLU A 244 9.18 -17.42 -0.73
C GLU A 244 8.14 -18.00 0.25
N GLY A 245 7.78 -17.24 1.28
CA GLY A 245 6.83 -17.69 2.28
C GLY A 245 5.36 -17.67 1.94
N ILE A 246 4.96 -17.17 0.77
CA ILE A 246 3.56 -17.21 0.35
C ILE A 246 3.41 -18.33 -0.69
N ARG A 247 2.86 -19.47 -0.28
CA ARG A 247 2.55 -20.59 -1.16
C ARG A 247 1.37 -20.21 -2.04
N GLN A 248 1.56 -20.30 -3.36
CA GLN A 248 0.51 -19.96 -4.33
C GLN A 248 -0.12 -21.21 -4.92
N PHE A 249 -1.45 -21.21 -5.02
CA PHE A 249 -2.20 -22.38 -5.45
C PHE A 249 -3.27 -21.95 -6.44
N TYR A 250 -3.74 -22.89 -7.25
CA TYR A 250 -4.89 -22.60 -8.10
C TYR A 250 -5.89 -23.74 -7.95
N ILE A 251 -7.16 -23.41 -8.20
CA ILE A 251 -8.24 -24.35 -8.31
C ILE A 251 -8.89 -24.15 -9.66
N ASN A 252 -8.92 -25.20 -10.48
CA ASN A 252 -9.55 -25.10 -11.78
C ASN A 252 -11.06 -25.17 -11.55
N VAL A 253 -11.79 -24.22 -12.09
CA VAL A 253 -13.24 -24.32 -12.06
C VAL A 253 -13.66 -24.81 -13.45
N GLU A 254 -14.33 -25.94 -13.50
CA GLU A 254 -14.79 -26.50 -14.77
C GLU A 254 -15.94 -25.68 -15.36
N ARG A 255 -16.18 -25.89 -16.66
CA ARG A 255 -17.15 -25.05 -17.37
C ARG A 255 -18.53 -25.12 -16.72
N GLU A 256 -19.01 -26.31 -16.37
CA GLU A 256 -20.35 -26.46 -15.80
C GLU A 256 -20.41 -26.16 -14.31
N GLU A 257 -19.28 -25.92 -13.67
CA GLU A 257 -19.26 -25.64 -12.25
C GLU A 257 -19.43 -24.15 -12.00
N TRP A 258 -20.00 -23.87 -10.84
CA TRP A 258 -20.19 -22.52 -10.38
C TRP A 258 -18.99 -22.13 -9.50
N LYS A 259 -18.33 -21.01 -9.84
CA LYS A 259 -17.19 -20.56 -9.05
C LYS A 259 -17.60 -20.30 -7.61
N LEU A 260 -18.87 -19.89 -7.39
CA LEU A 260 -19.37 -19.69 -6.04
C LEU A 260 -19.35 -21.00 -5.23
N ASP A 261 -19.79 -22.11 -5.81
CA ASP A 261 -19.70 -23.38 -5.09
C ASP A 261 -18.28 -23.77 -4.78
N THR A 262 -17.35 -23.48 -5.70
CA THR A 262 -15.96 -23.83 -5.45
C THR A 262 -15.44 -23.07 -4.24
N LEU A 263 -15.77 -21.78 -4.13
CA LEU A 263 -15.34 -21.00 -2.98
C LEU A 263 -16.02 -21.47 -1.70
N CYS A 264 -17.31 -21.78 -1.75
CA CYS A 264 -17.98 -22.18 -0.52
C CYS A 264 -17.52 -23.53 -0.03
N ASP A 265 -17.34 -24.50 -0.95
CA ASP A 265 -16.84 -25.82 -0.55
C ASP A 265 -15.46 -25.72 0.09
N LEU A 266 -14.59 -24.91 -0.50
CA LEU A 266 -13.28 -24.69 0.09
C LEU A 266 -13.40 -23.98 1.41
N TYR A 267 -14.16 -22.89 1.42
CA TYR A 267 -14.28 -22.05 2.60
C TYR A 267 -14.71 -22.83 3.83
N GLU A 268 -15.54 -23.85 3.64
CA GLU A 268 -16.00 -24.67 4.76
C GLU A 268 -14.85 -25.44 5.39
N THR A 269 -14.04 -26.10 4.56
CA THR A 269 -12.92 -26.91 5.02
C THR A 269 -11.78 -26.10 5.66
N LEU A 270 -11.91 -24.77 5.81
CA LEU A 270 -10.84 -23.91 6.30
C LEU A 270 -11.12 -23.40 7.71
N THR A 271 -10.06 -23.29 8.52
CA THR A 271 -10.04 -22.54 9.78
C THR A 271 -9.29 -21.23 9.54
N ILE A 272 -10.01 -20.15 9.43
CA ILE A 272 -9.42 -18.88 9.04
C ILE A 272 -8.94 -18.16 10.29
N THR A 273 -7.73 -17.58 10.24
CA THR A 273 -7.42 -16.53 11.22
C THR A 273 -7.98 -15.22 10.67
N GLN A 274 -7.37 -14.68 9.62
CA GLN A 274 -8.02 -13.64 8.84
C GLN A 274 -7.68 -13.86 7.37
N ALA A 275 -8.58 -13.43 6.51
CA ALA A 275 -8.49 -13.72 5.09
C ALA A 275 -9.09 -12.55 4.33
N VAL A 276 -8.61 -12.39 3.09
CA VAL A 276 -9.11 -11.40 2.17
C VAL A 276 -9.51 -12.13 0.89
N ILE A 277 -10.66 -11.78 0.36
CA ILE A 277 -11.11 -12.33 -0.89
C ILE A 277 -11.20 -11.17 -1.87
N PHE A 278 -10.42 -11.22 -2.93
CA PHE A 278 -10.45 -10.17 -3.94
C PHE A 278 -11.40 -10.48 -5.09
N ILE A 279 -12.17 -9.45 -5.45
CA ILE A 279 -13.17 -9.43 -6.50
C ILE A 279 -12.90 -8.23 -7.40
N ASN A 280 -13.17 -8.37 -8.70
CA ASN A 280 -12.80 -7.29 -9.62
C ASN A 280 -13.79 -6.11 -9.65
N THR A 281 -15.05 -6.25 -9.23
CA THR A 281 -15.97 -5.11 -9.36
C THR A 281 -16.67 -4.86 -8.03
N ARG A 282 -17.10 -3.62 -7.82
CA ARG A 282 -17.95 -3.31 -6.67
C ARG A 282 -19.28 -4.07 -6.72
N ARG A 283 -19.88 -4.16 -7.90
CA ARG A 283 -21.12 -4.90 -8.00
C ARG A 283 -20.94 -6.32 -7.50
N LYS A 284 -19.90 -7.01 -7.94
CA LYS A 284 -19.73 -8.37 -7.52
C LYS A 284 -19.34 -8.49 -6.04
N VAL A 285 -18.64 -7.51 -5.45
CA VAL A 285 -18.40 -7.56 -4.00
C VAL A 285 -19.72 -7.60 -3.23
N ASP A 286 -20.67 -6.75 -3.61
CA ASP A 286 -21.94 -6.72 -2.89
C ASP A 286 -22.69 -8.04 -3.07
N TRP A 287 -22.67 -8.55 -4.29
CA TRP A 287 -23.36 -9.79 -4.57
C TRP A 287 -22.74 -10.94 -3.77
N LEU A 288 -21.42 -11.03 -3.75
CA LEU A 288 -20.80 -12.19 -3.12
C LEU A 288 -21.01 -12.14 -1.62
N THR A 289 -20.99 -10.92 -1.06
CA THR A 289 -21.20 -10.77 0.38
C THR A 289 -22.56 -11.26 0.75
N GLU A 290 -23.53 -10.97 -0.09
CA GLU A 290 -24.88 -11.44 0.20
C GLU A 290 -24.96 -12.95 0.09
N LYS A 291 -24.42 -13.53 -0.99
CA LYS A 291 -24.43 -14.99 -1.15
C LYS A 291 -23.78 -15.68 0.03
N MET A 292 -22.65 -15.15 0.49
CA MET A 292 -21.97 -15.81 1.58
C MET A 292 -22.78 -15.73 2.86
N HIS A 293 -23.42 -14.57 3.13
CA HIS A 293 -24.32 -14.48 4.26
C HIS A 293 -25.44 -15.49 4.13
N ALA A 294 -25.90 -15.73 2.90
CA ALA A 294 -26.94 -16.73 2.66
C ALA A 294 -26.49 -18.17 2.93
N ARG A 295 -25.19 -18.42 3.08
CA ARG A 295 -24.71 -19.74 3.48
C ARG A 295 -24.09 -19.68 4.87
N ASP A 296 -24.54 -18.71 5.67
CA ASP A 296 -24.13 -18.58 7.06
C ASP A 296 -22.61 -18.50 7.22
N PHE A 297 -21.96 -17.77 6.33
CA PHE A 297 -20.56 -17.37 6.49
C PHE A 297 -20.52 -15.93 6.97
N THR A 298 -19.62 -15.65 7.91
CA THR A 298 -19.48 -14.29 8.44
C THR A 298 -18.42 -13.56 7.67
N VAL A 299 -18.82 -12.62 6.80
CA VAL A 299 -17.87 -11.83 6.05
C VAL A 299 -18.30 -10.37 6.13
N SER A 300 -17.36 -9.48 5.84
CA SER A 300 -17.73 -8.08 5.62
C SER A 300 -17.21 -7.60 4.27
N ALA A 301 -17.87 -6.60 3.71
CA ALA A 301 -17.55 -6.10 2.38
C ALA A 301 -16.93 -4.71 2.49
N MET A 302 -16.05 -4.40 1.55
CA MET A 302 -15.34 -3.13 1.47
C MET A 302 -15.20 -2.73 0.00
N HIS A 303 -15.69 -1.54 -0.37
CA HIS A 303 -15.31 -1.05 -1.69
C HIS A 303 -15.55 0.46 -1.72
N GLY A 304 -15.18 1.06 -2.83
CA GLY A 304 -15.07 2.49 -2.90
C GLY A 304 -16.36 3.23 -3.10
N ASP A 305 -17.47 2.55 -3.34
CA ASP A 305 -18.77 3.24 -3.36
C ASP A 305 -19.45 3.35 -1.99
N MET A 306 -18.85 2.84 -0.92
CA MET A 306 -19.39 3.05 0.41
C MET A 306 -19.05 4.44 0.95
N ASP A 307 -19.88 4.95 1.85
CA ASP A 307 -19.55 6.22 2.53
C ASP A 307 -18.24 6.10 3.30
N GLN A 308 -17.49 7.20 3.40
CA GLN A 308 -16.18 7.10 4.05
C GLN A 308 -16.34 6.68 5.52
N LYS A 309 -17.40 7.13 6.18
CA LYS A 309 -17.58 6.67 7.55
C LYS A 309 -17.72 5.14 7.61
N GLU A 310 -18.44 4.55 6.66
CA GLU A 310 -18.58 3.09 6.64
C GLU A 310 -17.26 2.42 6.29
N ARG A 311 -16.49 2.95 5.31
CA ARG A 311 -15.17 2.41 5.00
C ARG A 311 -14.27 2.39 6.23
N ASP A 312 -14.35 3.45 7.04
CA ASP A 312 -13.48 3.57 8.20
C ASP A 312 -13.84 2.53 9.23
N VAL A 313 -15.14 2.33 9.45
CA VAL A 313 -15.63 1.33 10.40
C VAL A 313 -15.21 -0.08 9.97
N ILE A 314 -15.40 -0.40 8.70
CA ILE A 314 -15.08 -1.73 8.21
C ILE A 314 -13.59 -2.00 8.34
N MET A 315 -12.77 -1.04 7.94
CA MET A 315 -11.33 -1.20 8.09
C MET A 315 -10.94 -1.38 9.56
N ARG A 316 -11.41 -0.48 10.44
CA ARG A 316 -11.11 -0.61 11.85
C ARG A 316 -11.48 -2.00 12.42
N GLU A 317 -12.65 -2.50 12.06
CA GLU A 317 -13.08 -3.76 12.64
C GLU A 317 -12.24 -4.92 12.12
N PHE A 318 -11.82 -4.87 10.84
CA PHE A 318 -10.93 -5.90 10.31
C PHE A 318 -9.53 -5.82 10.92
N ARG A 319 -8.97 -4.61 11.07
CA ARG A 319 -7.66 -4.50 11.74
C ARG A 319 -7.68 -5.05 13.15
N SER A 320 -8.78 -4.85 13.88
CA SER A 320 -8.84 -5.30 15.24
C SER A 320 -9.14 -6.78 15.35
N GLY A 321 -9.45 -7.48 14.26
CA GLY A 321 -9.84 -8.88 14.34
C GLY A 321 -11.30 -9.15 14.67
N SER A 322 -12.15 -8.12 14.73
CA SER A 322 -13.58 -8.33 14.99
C SER A 322 -14.29 -8.94 13.77
N SER A 323 -13.84 -8.67 12.58
CA SER A 323 -14.31 -9.42 11.43
C SER A 323 -13.12 -10.17 10.87
N ARG A 324 -13.34 -11.40 10.43
CA ARG A 324 -12.23 -12.27 10.06
C ARG A 324 -11.99 -12.35 8.57
N VAL A 325 -12.98 -12.00 7.76
CA VAL A 325 -12.93 -12.20 6.34
C VAL A 325 -13.50 -10.97 5.68
N LEU A 326 -12.70 -10.36 4.82
CA LEU A 326 -13.09 -9.20 4.06
C LEU A 326 -13.21 -9.60 2.60
N ILE A 327 -14.30 -9.16 1.97
CA ILE A 327 -14.49 -9.29 0.55
C ILE A 327 -14.30 -7.91 -0.02
N THR A 328 -13.42 -7.77 -1.00
CA THR A 328 -13.06 -6.43 -1.38
C THR A 328 -12.63 -6.38 -2.83
N THR A 329 -12.61 -5.18 -3.33
CA THR A 329 -11.98 -4.85 -4.59
C THR A 329 -10.51 -4.55 -4.42
N ASP A 330 -9.88 -4.18 -5.53
CA ASP A 330 -8.49 -3.72 -5.49
C ASP A 330 -8.29 -2.47 -4.63
N LEU A 331 -9.38 -1.81 -4.16
CA LEU A 331 -9.19 -0.77 -3.13
C LEU A 331 -8.15 -1.24 -2.11
N LEU A 332 -8.21 -2.50 -1.69
CA LEU A 332 -7.34 -2.93 -0.60
C LEU A 332 -6.18 -3.77 -1.08
N ALA A 333 -5.94 -3.83 -2.39
CA ALA A 333 -4.88 -4.69 -2.89
C ALA A 333 -3.51 -4.13 -2.53
N ARG A 334 -3.38 -2.82 -2.44
CA ARG A 334 -2.07 -2.20 -2.30
C ARG A 334 -1.84 -1.66 -0.90
N GLY A 335 -0.74 -2.05 -0.28
CA GLY A 335 -0.21 -1.34 0.85
C GLY A 335 -0.83 -1.71 2.18
N ILE A 336 -2.08 -2.15 2.20
CA ILE A 336 -2.79 -2.40 3.46
C ILE A 336 -2.06 -3.49 4.24
N ASP A 337 -1.79 -3.21 5.51
CA ASP A 337 -1.00 -4.08 6.37
C ASP A 337 -1.82 -4.57 7.56
N VAL A 338 -2.21 -5.84 7.55
CA VAL A 338 -2.93 -6.44 8.68
C VAL A 338 -2.17 -7.74 8.95
N GLN A 339 -1.40 -7.75 10.01
CA GLN A 339 -0.45 -8.84 10.23
C GLN A 339 -1.12 -10.20 10.27
N GLN A 340 -2.34 -10.26 10.82
CA GLN A 340 -2.99 -11.54 11.01
C GLN A 340 -3.51 -12.15 9.72
N VAL A 341 -3.49 -11.42 8.61
CA VAL A 341 -3.99 -11.98 7.36
C VAL A 341 -3.05 -13.06 6.89
N SER A 342 -3.51 -14.29 6.83
CA SER A 342 -2.64 -15.35 6.34
C SER A 342 -3.18 -16.02 5.09
N LEU A 343 -4.31 -15.57 4.55
CA LEU A 343 -4.96 -16.24 3.44
C LEU A 343 -5.51 -15.19 2.50
N VAL A 344 -5.14 -15.26 1.24
CA VAL A 344 -5.71 -14.40 0.20
C VAL A 344 -6.37 -15.29 -0.82
N ILE A 345 -7.62 -14.99 -1.16
CA ILE A 345 -8.27 -15.72 -2.24
C ILE A 345 -8.51 -14.75 -3.39
N ASN A 346 -7.97 -15.07 -4.58
CA ASN A 346 -8.38 -14.33 -5.79
C ASN A 346 -9.59 -15.03 -6.37
N TYR A 347 -10.77 -14.49 -6.05
CA TYR A 347 -11.97 -15.04 -6.62
C TYR A 347 -12.06 -14.67 -8.08
N ASP A 348 -11.75 -13.40 -8.40
CA ASP A 348 -11.45 -12.99 -9.77
C ASP A 348 -9.94 -12.77 -9.90
N LEU A 349 -9.40 -13.07 -11.10
CA LEU A 349 -7.99 -12.76 -11.25
C LEU A 349 -7.85 -11.31 -11.67
N PRO A 350 -6.79 -10.66 -11.23
CA PRO A 350 -6.61 -9.23 -11.55
C PRO A 350 -6.46 -8.96 -13.05
N THR A 351 -6.88 -7.76 -13.48
CA THR A 351 -6.84 -7.35 -14.89
C THR A 351 -5.46 -6.87 -15.33
N ASN A 352 -4.51 -6.69 -14.42
CA ASN A 352 -3.11 -6.40 -14.77
C ASN A 352 -2.22 -7.24 -13.83
N ARG A 353 -1.04 -7.63 -14.33
CA ARG A 353 -0.26 -8.61 -13.60
C ARG A 353 0.31 -8.01 -12.31
N GLU A 354 0.56 -6.68 -12.30
CA GLU A 354 1.13 -6.07 -11.08
C GLU A 354 0.20 -6.23 -9.87
N ASN A 355 -1.11 -6.05 -10.05
CA ASN A 355 -1.99 -6.22 -8.90
C ASN A 355 -2.00 -7.65 -8.37
N TYR A 356 -1.63 -8.66 -9.17
CA TYR A 356 -1.47 -9.98 -8.60
C TYR A 356 -0.44 -9.96 -7.47
N ILE A 357 0.72 -9.37 -7.70
CA ILE A 357 1.76 -9.30 -6.69
C ILE A 357 1.22 -8.65 -5.43
N HIS A 358 0.56 -7.49 -5.59
CA HIS A 358 0.07 -6.74 -4.43
C HIS A 358 -1.00 -7.51 -3.66
N ARG A 359 -1.95 -8.12 -4.37
CA ARG A 359 -3.02 -8.86 -3.72
C ARG A 359 -2.48 -9.99 -2.87
N ILE A 360 -1.60 -10.81 -3.44
CA ILE A 360 -1.13 -11.93 -2.63
C ILE A 360 -0.23 -11.42 -1.53
N GLY A 361 0.41 -10.29 -1.74
CA GLY A 361 1.19 -9.75 -0.66
C GLY A 361 0.40 -9.26 0.53
N ARG A 362 -0.95 -9.35 0.54
CA ARG A 362 -1.64 -8.95 1.77
C ARG A 362 -1.40 -9.97 2.87
N GLY A 363 -1.13 -11.25 2.50
CA GLY A 363 -0.74 -12.23 3.49
C GLY A 363 0.79 -12.27 3.57
N GLY A 364 1.30 -13.00 4.52
CA GLY A 364 2.76 -13.14 4.57
C GLY A 364 3.54 -11.87 4.87
N ARG A 365 2.97 -10.97 5.67
CA ARG A 365 3.65 -9.71 6.00
C ARG A 365 4.92 -9.92 6.84
N PHE A 366 5.97 -9.18 6.48
CA PHE A 366 7.27 -9.20 7.16
C PHE A 366 7.74 -10.63 7.48
N GLY A 367 7.75 -11.48 6.45
CA GLY A 367 8.34 -12.80 6.63
C GLY A 367 7.47 -13.86 7.27
N ARG A 368 6.18 -13.60 7.47
CA ARG A 368 5.26 -14.64 7.88
C ARG A 368 4.94 -15.55 6.68
N LYS A 369 4.53 -16.76 6.98
CA LYS A 369 4.12 -17.68 5.94
C LYS A 369 2.65 -17.42 5.65
N GLY A 370 2.29 -17.37 4.38
CA GLY A 370 0.91 -17.17 3.99
C GLY A 370 0.57 -18.08 2.84
N VAL A 371 -0.69 -17.99 2.43
CA VAL A 371 -1.23 -18.79 1.34
C VAL A 371 -2.05 -17.87 0.45
N ALA A 372 -1.97 -18.09 -0.86
CA ALA A 372 -2.82 -17.40 -1.81
C ALA A 372 -3.48 -18.45 -2.67
N ILE A 373 -4.80 -18.35 -2.87
CA ILE A 373 -5.51 -19.31 -3.69
C ILE A 373 -6.16 -18.59 -4.85
N ASN A 374 -5.96 -19.11 -6.05
CA ASN A 374 -6.50 -18.51 -7.27
C ASN A 374 -7.59 -19.42 -7.81
N MET A 375 -8.80 -18.87 -8.00
CA MET A 375 -9.87 -19.57 -8.70
C MET A 375 -9.74 -19.30 -10.18
N VAL A 376 -9.74 -20.36 -11.00
CA VAL A 376 -9.35 -20.23 -12.41
C VAL A 376 -10.42 -20.89 -13.25
N THR A 377 -11.22 -20.09 -13.94
CA THR A 377 -12.09 -20.61 -14.97
C THR A 377 -11.28 -20.69 -16.25
N GLU A 378 -11.83 -21.39 -17.26
CA GLU A 378 -11.13 -21.50 -18.55
C GLU A 378 -10.69 -20.14 -19.09
N GLU A 379 -11.54 -19.12 -19.01
CA GLU A 379 -11.16 -17.80 -19.52
C GLU A 379 -10.10 -17.12 -18.68
N ASP A 380 -9.74 -17.70 -17.53
CA ASP A 380 -8.73 -17.16 -16.66
C ASP A 380 -7.34 -17.72 -16.96
N LYS A 381 -7.27 -18.85 -17.65
CA LYS A 381 -5.98 -19.52 -17.85
C LYS A 381 -4.93 -18.59 -18.45
N ARG A 382 -5.29 -17.84 -19.51
CA ARG A 382 -4.33 -16.93 -20.13
C ARG A 382 -3.81 -15.92 -19.13
N THR A 383 -4.70 -15.36 -18.32
CA THR A 383 -4.27 -14.38 -17.34
C THR A 383 -3.28 -14.99 -16.39
N LEU A 384 -3.62 -16.15 -15.83
CA LEU A 384 -2.73 -16.75 -14.85
C LEU A 384 -1.40 -17.15 -15.52
N ARG A 385 -1.46 -17.63 -16.75
CA ARG A 385 -0.23 -17.98 -17.47
C ARG A 385 0.71 -16.78 -17.62
N ASP A 386 0.17 -15.61 -17.96
CA ASP A 386 1.01 -14.43 -18.06
C ASP A 386 1.67 -14.11 -16.72
N ILE A 387 0.93 -14.27 -15.62
CA ILE A 387 1.50 -14.01 -14.30
C ILE A 387 2.65 -14.99 -14.01
N GLU A 388 2.43 -16.28 -14.26
CA GLU A 388 3.45 -17.30 -13.93
C GLU A 388 4.72 -17.10 -14.74
N THR A 389 4.61 -16.89 -16.05
CA THR A 389 5.80 -16.78 -16.86
C THR A 389 6.53 -15.48 -16.61
N PHE A 390 5.80 -14.38 -16.38
CA PHE A 390 6.48 -13.11 -16.18
C PHE A 390 7.30 -13.12 -14.90
N TYR A 391 6.66 -13.48 -13.79
CA TYR A 391 7.32 -13.55 -12.49
C TYR A 391 8.02 -14.88 -12.26
N ASN A 392 7.96 -15.82 -13.20
CA ASN A 392 8.64 -17.10 -13.08
C ASN A 392 8.35 -17.77 -11.75
N THR A 393 7.08 -17.74 -11.35
CA THR A 393 6.71 -18.17 -10.01
C THR A 393 5.91 -19.45 -10.09
N SER A 394 6.01 -20.24 -9.03
CA SER A 394 5.36 -21.55 -8.99
C SER A 394 3.95 -21.40 -8.42
N ILE A 395 2.95 -21.77 -9.20
CA ILE A 395 1.56 -21.81 -8.73
C ILE A 395 1.09 -23.24 -8.88
N GLU A 396 0.91 -23.94 -7.78
CA GLU A 396 0.66 -25.36 -7.89
C GLU A 396 -0.81 -25.69 -7.61
N GLU A 397 -1.20 -26.89 -8.01
CA GLU A 397 -2.58 -27.32 -7.81
C GLU A 397 -2.84 -27.45 -6.31
N MET A 398 -3.96 -26.94 -5.86
CA MET A 398 -4.22 -26.92 -4.43
C MET A 398 -4.25 -28.35 -3.91
N PRO A 399 -3.49 -28.69 -2.83
CA PRO A 399 -3.53 -30.05 -2.28
C PRO A 399 -4.66 -30.23 -1.28
N LEU A 400 -4.79 -31.41 -0.70
CA LEU A 400 -5.83 -31.66 0.29
C LEU A 400 -5.41 -31.30 1.71
N ASN A 401 -4.13 -30.95 1.93
CA ASN A 401 -3.65 -30.63 3.27
C ASN A 401 -4.33 -29.39 3.87
N VAL A 402 -4.67 -28.40 3.05
CA VAL A 402 -5.31 -27.18 3.56
C VAL A 402 -4.27 -26.20 4.16
#